data_6TLT
#
_entry.id   6TLT
#
_cell.length_a   108.727
_cell.length_b   108.727
_cell.length_c   104.734
_cell.angle_alpha   90.000
_cell.angle_beta   90.000
_cell.angle_gamma   120.000
#
_symmetry.space_group_name_H-M   'P 61 2 2'
#
loop_
_entity.id
_entity.type
_entity.pdbx_description
1 polymer 'Nuclear receptor ROR-gamma'
2 non-polymer '4-[1-[2,6-bis(chloranyl)phenyl]carbonyl-5-methyl-thieno[3,2-c]pyrazol-3-yl]benzoic acid'
3 non-polymer desmosterol
4 non-polymer GLYCEROL
5 water water
#
_entity_poly.entity_id   1
_entity_poly.type   'polypeptide(L)'
_entity_poly.pdbx_seq_one_letter_code
;GSSHHHHHHSSGLVPRGSHMASLTEIEHLVQSVCKSYRETCQLRLEDLLRQRSNIFSREEVTGYQRKSMWEMWERCAHHL
TEAIQYVVEFAKRLSGFMELCQNDQIVLLKAGAMEVVLVRMCRAYNADNRTVFFEGKYGGMELFRALGCSELISSIFDFS
HSLSALHFSEDEIALYTALVLINAHRPGLQEKRKVEQLQYNLELAFHHHLHKTHRQSILAKLPPKGKLRSLCSQHVERLQ
IFQHLHPIVVQAAFPPLYKELFS
;
_entity_poly.pdbx_strand_id   A
#
loop_
_chem_comp.id
_chem_comp.type
_chem_comp.name
_chem_comp.formula
GOL non-polymer GLYCEROL 'C3 H8 O3'
MHQ non-polymer desmosterol 'C27 H44 O'
MJE non-polymer '4-[1-[2,6-bis(chloranyl)phenyl]carbonyl-5-methyl-thieno[3,2-c]pyrazol-3-yl]benzoic acid' 'C20 H12 Cl2 N2 O3 S'
#
# COMPACT_ATOMS: atom_id res chain seq x y z
N THR A 24 16.35 23.04 8.29
CA THR A 24 17.38 22.08 7.82
C THR A 24 16.81 21.46 6.53
N GLU A 25 17.69 20.95 5.69
CA GLU A 25 17.29 20.19 4.49
C GLU A 25 16.32 19.07 4.93
N ILE A 26 16.26 18.71 6.22
CA ILE A 26 15.51 17.53 6.72
C ILE A 26 14.08 17.94 6.94
N GLU A 27 13.85 19.12 7.50
CA GLU A 27 12.47 19.63 7.70
C GLU A 27 11.85 19.85 6.32
N HIS A 28 12.62 20.27 5.31
CA HIS A 28 12.08 20.37 3.94
C HIS A 28 11.79 18.99 3.39
N LEU A 29 12.64 17.99 3.69
CA LEU A 29 12.39 16.63 3.15
C LEU A 29 11.10 16.12 3.79
N VAL A 30 10.90 16.34 5.10
CA VAL A 30 9.65 15.94 5.79
C VAL A 30 8.48 16.59 5.04
N GLN A 31 8.60 17.88 4.78
CA GLN A 31 7.47 18.65 4.23
C GLN A 31 7.13 18.10 2.84
N SER A 32 8.16 17.79 2.04
N SER A 32 8.14 17.75 2.04
CA SER A 32 8.04 17.30 0.65
CA SER A 32 7.94 17.31 0.62
C SER A 32 7.37 15.92 0.60
C SER A 32 7.36 15.88 0.58
N VAL A 33 7.78 15.02 1.51
CA VAL A 33 7.22 13.65 1.60
C VAL A 33 5.74 13.72 1.96
N CYS A 34 5.37 14.59 2.90
CA CYS A 34 3.98 14.74 3.41
C CYS A 34 3.11 15.32 2.30
N LYS A 35 3.68 16.25 1.56
CA LYS A 35 3.02 16.85 0.39
C LYS A 35 2.78 15.77 -0.68
N SER A 36 3.80 15.00 -1.03
N SER A 36 3.80 15.00 -1.03
N SER A 36 3.81 15.01 -1.05
CA SER A 36 3.67 13.92 -2.05
CA SER A 36 3.67 13.92 -2.05
CA SER A 36 3.69 13.90 -2.03
C SER A 36 2.59 12.94 -1.58
C SER A 36 2.59 12.94 -1.58
C SER A 36 2.58 12.95 -1.57
N TYR A 37 2.59 12.56 -0.31
CA TYR A 37 1.55 11.68 0.26
C TYR A 37 0.18 12.34 0.12
N ARG A 38 0.10 13.61 0.49
CA ARG A 38 -1.21 14.29 0.58
C ARG A 38 -1.79 14.29 -0.81
N GLU A 39 -0.94 14.43 -1.82
CA GLU A 39 -1.41 14.59 -3.20
C GLU A 39 -1.75 13.22 -3.77
N THR A 40 -1.29 12.11 -3.22
CA THR A 40 -1.38 10.77 -3.86
C THR A 40 -2.05 9.76 -2.92
N CYS A 41 -2.72 10.21 -1.87
CA CYS A 41 -3.21 9.26 -0.85
C CYS A 41 -4.49 8.58 -1.34
N GLN A 42 -5.03 9.05 -2.47
CA GLN A 42 -6.10 8.41 -3.25
C GLN A 42 -7.41 8.66 -2.54
N LEU A 43 -7.53 8.30 -1.26
CA LEU A 43 -8.77 8.54 -0.49
C LEU A 43 -8.45 9.47 0.68
N ARG A 44 -9.34 10.39 1.00
CA ARG A 44 -9.06 11.35 2.10
C ARG A 44 -9.44 10.72 3.43
N LEU A 45 -8.63 10.92 4.45
CA LEU A 45 -8.91 10.30 5.77
C LEU A 45 -10.26 10.79 6.29
N GLU A 46 -10.56 12.08 6.15
CA GLU A 46 -11.87 12.59 6.64
C GLU A 46 -12.99 11.79 5.98
N ASP A 47 -12.94 11.64 4.65
CA ASP A 47 -13.98 10.86 3.93
C ASP A 47 -14.05 9.45 4.53
N LEU A 48 -12.95 8.73 4.54
CA LEU A 48 -12.91 7.33 5.07
C LEU A 48 -13.49 7.26 6.48
N LEU A 49 -13.12 8.19 7.34
CA LEU A 49 -13.63 8.15 8.73
C LEU A 49 -15.12 8.48 8.73
N ARG A 50 -15.55 9.42 7.89
CA ARG A 50 -16.96 9.86 7.87
C ARG A 50 -17.87 8.74 7.35
N GLN A 51 -17.40 7.96 6.39
CA GLN A 51 -18.23 6.90 5.76
C GLN A 51 -18.16 5.60 6.56
N ARG A 52 -17.56 5.60 7.74
CA ARG A 52 -17.44 4.34 8.50
C ARG A 52 -18.82 3.76 8.76
N SER A 53 -19.83 4.62 8.83
CA SER A 53 -21.23 4.17 9.11
C SER A 53 -21.91 3.71 7.82
N ASN A 54 -21.32 3.95 6.65
CA ASN A 54 -21.91 3.56 5.35
C ASN A 54 -21.46 2.11 5.07
N ILE A 55 -22.22 1.13 5.51
CA ILE A 55 -21.82 -0.30 5.58
C ILE A 55 -22.73 -1.15 4.67
N PHE A 56 -22.17 -2.10 3.91
CA PHE A 56 -22.94 -2.96 2.99
C PHE A 56 -24.00 -3.79 3.73
N SER A 57 -25.20 -3.87 3.15
CA SER A 57 -26.35 -4.60 3.71
C SER A 57 -26.13 -6.08 3.47
N ARG A 58 -26.90 -6.91 4.16
CA ARG A 58 -26.88 -8.39 3.97
C ARG A 58 -27.12 -8.66 2.49
N GLU A 59 -28.05 -7.96 1.85
CA GLU A 59 -28.41 -8.25 0.44
C GLU A 59 -27.23 -7.86 -0.44
N GLU A 60 -26.58 -6.73 -0.15
CA GLU A 60 -25.50 -6.20 -1.01
C GLU A 60 -24.30 -7.14 -0.94
N VAL A 61 -24.04 -7.67 0.27
CA VAL A 61 -22.96 -8.64 0.55
C VAL A 61 -23.24 -9.89 -0.25
N THR A 62 -24.46 -10.40 -0.17
CA THR A 62 -24.89 -11.60 -0.92
C THR A 62 -24.70 -11.34 -2.43
N GLY A 63 -25.02 -10.13 -2.91
CA GLY A 63 -24.80 -9.71 -4.29
C GLY A 63 -23.35 -9.92 -4.67
N TYR A 64 -22.42 -9.50 -3.81
CA TYR A 64 -20.98 -9.65 -4.12
C TYR A 64 -20.58 -11.13 -4.08
N GLN A 65 -21.06 -11.85 -3.08
CA GLN A 65 -20.76 -13.29 -2.89
C GLN A 65 -21.25 -14.13 -4.07
N ARG A 66 -22.35 -13.75 -4.71
CA ARG A 66 -22.85 -14.53 -5.86
C ARG A 66 -22.18 -14.17 -7.17
N LYS A 67 -21.39 -13.09 -7.25
CA LYS A 67 -20.70 -12.77 -8.51
C LYS A 67 -19.74 -13.91 -8.84
N SER A 68 -19.52 -14.14 -10.12
CA SER A 68 -18.44 -15.00 -10.65
C SER A 68 -17.10 -14.56 -10.04
N MET A 69 -16.24 -15.56 -9.73
N MET A 69 -16.24 -15.51 -9.68
CA MET A 69 -14.83 -15.41 -9.27
CA MET A 69 -14.90 -15.16 -9.15
C MET A 69 -14.14 -14.43 -10.21
C MET A 69 -14.20 -14.29 -10.21
N TRP A 70 -14.49 -14.54 -11.48
CA TRP A 70 -13.79 -13.84 -12.58
C TRP A 70 -14.26 -12.38 -12.68
N GLU A 71 -15.51 -12.07 -12.31
CA GLU A 71 -15.94 -10.65 -12.28
C GLU A 71 -15.38 -9.98 -11.02
N MET A 72 -15.42 -10.65 -9.89
CA MET A 72 -14.86 -10.05 -8.68
C MET A 72 -13.37 -9.79 -8.93
N TRP A 73 -12.71 -10.73 -9.60
CA TRP A 73 -11.27 -10.64 -9.91
C TRP A 73 -11.04 -9.39 -10.74
N GLU A 74 -11.83 -9.21 -11.78
CA GLU A 74 -11.70 -8.01 -12.62
C GLU A 74 -11.84 -6.75 -11.77
N ARG A 75 -12.87 -6.68 -10.95
CA ARG A 75 -13.04 -5.46 -10.14
C ARG A 75 -11.82 -5.26 -9.24
N CYS A 76 -11.51 -6.27 -8.43
CA CYS A 76 -10.46 -6.20 -7.41
C CYS A 76 -9.09 -5.92 -8.09
N ALA A 77 -8.78 -6.55 -9.21
CA ALA A 77 -7.54 -6.31 -9.97
C ALA A 77 -7.50 -4.85 -10.43
N HIS A 78 -8.58 -4.33 -10.99
CA HIS A 78 -8.54 -2.93 -11.41
C HIS A 78 -8.26 -2.01 -10.21
N HIS A 79 -9.00 -2.17 -9.11
CA HIS A 79 -8.82 -1.31 -7.91
C HIS A 79 -7.38 -1.46 -7.41
N LEU A 80 -6.83 -2.68 -7.36
CA LEU A 80 -5.46 -2.89 -6.83
C LEU A 80 -4.44 -2.28 -7.77
N THR A 81 -4.62 -2.35 -9.08
CA THR A 81 -3.62 -1.68 -9.94
C THR A 81 -3.78 -0.17 -9.77
N GLU A 82 -4.97 0.34 -9.56
CA GLU A 82 -5.10 1.80 -9.38
C GLU A 82 -4.40 2.22 -8.07
N ALA A 83 -4.52 1.42 -7.02
CA ALA A 83 -3.83 1.73 -5.76
C ALA A 83 -2.31 1.77 -6.00
N ILE A 84 -1.78 0.80 -6.77
CA ILE A 84 -0.34 0.70 -7.10
C ILE A 84 0.04 2.01 -7.80
N GLN A 85 -0.81 2.52 -8.67
CA GLN A 85 -0.41 3.64 -9.55
C GLN A 85 -0.23 4.89 -8.69
N TYR A 86 -1.07 5.02 -7.67
CA TYR A 86 -0.97 6.14 -6.72
C TYR A 86 0.34 6.05 -5.95
N VAL A 87 0.76 4.85 -5.61
CA VAL A 87 2.07 4.59 -4.96
C VAL A 87 3.22 4.90 -5.92
N VAL A 88 3.11 4.57 -7.20
CA VAL A 88 4.11 4.96 -8.23
C VAL A 88 4.20 6.50 -8.24
N GLU A 89 3.07 7.23 -8.24
CA GLU A 89 3.15 8.71 -8.24
C GLU A 89 3.74 9.23 -6.92
N PHE A 90 3.42 8.60 -5.81
CA PHE A 90 3.99 8.98 -4.52
C PHE A 90 5.50 8.90 -4.68
N ALA A 91 5.99 7.77 -5.17
CA ALA A 91 7.44 7.54 -5.32
C ALA A 91 8.04 8.59 -6.25
N LYS A 92 7.41 8.83 -7.39
CA LYS A 92 7.96 9.76 -8.41
C LYS A 92 8.13 11.14 -7.81
N ARG A 93 7.25 11.54 -6.89
CA ARG A 93 7.26 12.89 -6.27
C ARG A 93 8.19 12.92 -5.06
N LEU A 94 8.81 11.79 -4.71
CA LEU A 94 9.74 11.76 -3.56
C LEU A 94 11.05 12.40 -3.99
N SER A 95 11.49 13.38 -3.21
CA SER A 95 12.76 14.09 -3.47
C SER A 95 13.88 13.09 -3.71
N GLY A 96 14.52 13.16 -4.87
CA GLY A 96 15.66 12.28 -5.17
C GLY A 96 15.27 10.93 -5.75
N PHE A 97 13.98 10.61 -5.77
CA PHE A 97 13.60 9.29 -6.32
C PHE A 97 13.88 9.26 -7.81
N MET A 98 13.51 10.31 -8.51
CA MET A 98 13.80 10.36 -9.96
C MET A 98 15.30 10.43 -10.25
N GLU A 99 16.12 10.95 -9.35
CA GLU A 99 17.55 11.04 -9.66
C GLU A 99 18.20 9.68 -9.54
N LEU A 100 17.46 8.63 -9.16
CA LEU A 100 18.04 7.28 -9.21
C LEU A 100 17.99 6.83 -10.66
N CYS A 101 18.83 5.86 -11.00
CA CYS A 101 18.80 5.21 -12.32
C CYS A 101 17.49 4.45 -12.44
N GLN A 102 17.02 4.32 -13.66
CA GLN A 102 15.69 3.73 -13.88
C GLN A 102 15.70 2.27 -13.40
N ASN A 103 16.78 1.52 -13.60
CA ASN A 103 16.89 0.15 -13.01
C ASN A 103 16.50 0.23 -11.52
N ASP A 104 17.06 1.20 -10.79
CA ASP A 104 16.90 1.19 -9.31
C ASP A 104 15.45 1.62 -9.01
N GLN A 105 14.87 2.52 -9.81
CA GLN A 105 13.47 2.97 -9.64
C GLN A 105 12.58 1.70 -9.66
N ILE A 106 12.79 0.89 -10.70
CA ILE A 106 12.03 -0.36 -10.96
C ILE A 106 12.25 -1.31 -9.78
N VAL A 107 13.49 -1.54 -9.42
CA VAL A 107 13.80 -2.53 -8.35
C VAL A 107 13.06 -2.15 -7.06
N LEU A 108 13.10 -0.88 -6.66
CA LEU A 108 12.46 -0.40 -5.41
C LEU A 108 10.91 -0.51 -5.49
N LEU A 109 10.30 -0.07 -6.59
CA LEU A 109 8.84 -0.18 -6.82
C LEU A 109 8.43 -1.65 -6.92
N LYS A 110 9.19 -2.47 -7.64
CA LYS A 110 8.89 -3.91 -7.76
C LYS A 110 8.92 -4.58 -6.40
N ALA A 111 9.87 -4.27 -5.53
CA ALA A 111 9.91 -4.90 -4.18
C ALA A 111 8.89 -4.28 -3.23
N GLY A 112 8.50 -3.01 -3.43
CA GLY A 112 7.86 -2.28 -2.31
C GLY A 112 6.46 -1.74 -2.58
N ALA A 113 6.08 -1.50 -3.83
CA ALA A 113 4.83 -0.77 -4.13
C ALA A 113 3.62 -1.49 -3.48
N MET A 114 3.60 -2.81 -3.51
CA MET A 114 2.38 -3.47 -3.03
C MET A 114 2.42 -3.46 -1.50
N GLU A 115 3.62 -3.53 -0.92
CA GLU A 115 3.81 -3.42 0.54
C GLU A 115 3.21 -2.08 0.97
N VAL A 116 3.37 -1.03 0.17
CA VAL A 116 2.85 0.32 0.52
C VAL A 116 1.32 0.27 0.44
N VAL A 117 0.80 -0.38 -0.58
CA VAL A 117 -0.68 -0.48 -0.72
C VAL A 117 -1.24 -1.18 0.52
N LEU A 118 -0.62 -2.26 0.95
CA LEU A 118 -1.13 -3.00 2.13
C LEU A 118 -1.02 -2.10 3.34
N VAL A 119 -0.03 -1.23 3.40
CA VAL A 119 0.06 -0.32 4.58
C VAL A 119 -1.05 0.71 4.46
N ARG A 120 -1.23 1.32 3.29
CA ARG A 120 -2.29 2.31 3.04
C ARG A 120 -3.67 1.74 3.38
N MET A 121 -3.85 0.42 3.29
CA MET A 121 -5.15 -0.19 3.58
C MET A 121 -5.57 0.19 5.01
N CYS A 122 -4.65 0.40 5.95
CA CYS A 122 -5.11 0.52 7.36
C CYS A 122 -6.01 1.76 7.50
N ARG A 123 -5.82 2.76 6.66
CA ARG A 123 -6.60 4.00 6.72
C ARG A 123 -8.00 3.66 6.29
N ALA A 124 -8.19 2.68 5.40
CA ALA A 124 -9.52 2.38 4.85
C ALA A 124 -10.17 1.29 5.65
N TYR A 125 -9.60 0.88 6.76
CA TYR A 125 -9.99 -0.36 7.48
C TYR A 125 -10.58 0.09 8.81
N ASN A 126 -11.68 -0.47 9.24
CA ASN A 126 -12.33 -0.15 10.53
C ASN A 126 -12.20 -1.34 11.47
N ALA A 127 -11.34 -1.22 12.46
CA ALA A 127 -11.06 -2.27 13.45
C ALA A 127 -12.32 -2.62 14.25
N ASP A 128 -13.26 -1.68 14.47
CA ASP A 128 -14.46 -1.93 15.32
C ASP A 128 -15.24 -3.12 14.76
N ASN A 129 -15.50 -3.14 13.46
CA ASN A 129 -16.37 -4.15 12.81
C ASN A 129 -15.56 -4.90 11.74
N ARG A 130 -14.23 -4.74 11.70
CA ARG A 130 -13.32 -5.53 10.82
C ARG A 130 -13.82 -5.45 9.37
N THR A 131 -14.07 -4.23 8.93
CA THR A 131 -14.52 -3.88 7.57
C THR A 131 -13.47 -3.02 6.89
N VAL A 132 -13.53 -3.02 5.57
CA VAL A 132 -12.68 -2.19 4.72
C VAL A 132 -13.63 -1.40 3.80
N PHE A 133 -13.21 -0.14 3.42
CA PHE A 133 -13.93 0.72 2.40
C PHE A 133 -13.69 0.10 0.95
N PHE A 134 -14.77 -0.30 0.21
CA PHE A 134 -14.76 -1.08 -1.09
C PHE A 134 -15.98 -0.61 -1.90
N GLU A 135 -15.70 0.06 -3.02
CA GLU A 135 -16.73 0.50 -3.98
C GLU A 135 -17.80 1.24 -3.19
N GLY A 136 -17.43 2.18 -2.32
CA GLY A 136 -18.33 3.22 -1.81
C GLY A 136 -18.89 2.90 -0.43
N LYS A 137 -18.71 1.69 0.10
CA LYS A 137 -19.18 1.37 1.48
C LYS A 137 -18.19 0.47 2.21
N TYR A 138 -18.44 0.20 3.50
CA TYR A 138 -17.60 -0.69 4.35
C TYR A 138 -18.17 -2.11 4.30
N GLY A 139 -17.32 -3.12 4.11
CA GLY A 139 -17.69 -4.55 4.27
C GLY A 139 -16.55 -5.41 4.81
N GLY A 140 -16.88 -6.59 5.33
CA GLY A 140 -15.93 -7.60 5.80
C GLY A 140 -15.35 -8.48 4.72
N MET A 141 -14.38 -9.30 5.13
CA MET A 141 -13.64 -10.16 4.19
C MET A 141 -14.60 -11.12 3.43
N GLU A 142 -15.78 -11.44 3.96
CA GLU A 142 -16.71 -12.39 3.30
C GLU A 142 -17.28 -11.78 2.00
N LEU A 143 -17.17 -10.48 1.83
CA LEU A 143 -17.52 -9.77 0.57
C LEU A 143 -16.82 -10.48 -0.60
N PHE A 144 -15.63 -11.00 -0.34
CA PHE A 144 -14.71 -11.48 -1.38
C PHE A 144 -14.83 -13.02 -1.55
N ARG A 145 -15.82 -13.66 -0.91
N ARG A 145 -15.81 -13.67 -0.92
CA ARG A 145 -15.99 -15.15 -0.90
CA ARG A 145 -15.91 -15.15 -0.91
C ARG A 145 -15.77 -15.74 -2.31
C ARG A 145 -15.76 -15.75 -2.32
N ALA A 146 -16.30 -15.11 -3.35
CA ALA A 146 -16.23 -15.62 -4.73
C ALA A 146 -14.79 -15.80 -5.21
N LEU A 147 -13.79 -15.11 -4.67
CA LEU A 147 -12.39 -15.27 -5.16
C LEU A 147 -11.77 -16.55 -4.59
N GLY A 148 -12.32 -17.10 -3.54
CA GLY A 148 -11.81 -18.33 -2.91
C GLY A 148 -10.38 -18.22 -2.44
N CYS A 149 -10.07 -17.12 -1.77
N CYS A 149 -10.07 -17.12 -1.77
CA CYS A 149 -8.71 -16.85 -1.23
CA CYS A 149 -8.71 -16.85 -1.23
C CYS A 149 -8.81 -16.61 0.27
C CYS A 149 -8.81 -16.61 0.27
N SER A 150 -9.82 -17.24 0.85
CA SER A 150 -10.13 -17.12 2.27
C SER A 150 -8.91 -16.91 3.17
N GLU A 151 -7.78 -17.53 2.92
CA GLU A 151 -6.82 -17.53 4.04
C GLU A 151 -5.94 -16.30 3.82
N LEU A 152 -5.64 -16.02 2.56
CA LEU A 152 -4.82 -14.86 2.17
C LEU A 152 -5.55 -13.57 2.53
N ILE A 153 -6.84 -13.49 2.24
CA ILE A 153 -7.59 -12.23 2.49
C ILE A 153 -7.69 -12.03 3.99
N SER A 154 -7.93 -13.10 4.71
CA SER A 154 -7.97 -13.04 6.18
C SER A 154 -6.63 -12.49 6.71
N SER A 155 -5.52 -12.89 6.11
CA SER A 155 -4.15 -12.44 6.53
C SER A 155 -4.03 -10.97 6.26
N ILE A 156 -4.51 -10.54 5.12
CA ILE A 156 -4.47 -9.10 4.77
C ILE A 156 -5.27 -8.32 5.79
N PHE A 157 -6.47 -8.77 6.10
CA PHE A 157 -7.33 -8.08 7.09
C PHE A 157 -6.62 -8.05 8.46
N ASP A 158 -6.04 -9.17 8.89
CA ASP A 158 -5.29 -9.26 10.17
C ASP A 158 -4.16 -8.22 10.24
N PHE A 159 -3.44 -8.09 9.12
CA PHE A 159 -2.32 -7.13 9.03
C PHE A 159 -2.86 -5.72 9.24
N SER A 160 -3.98 -5.40 8.59
CA SER A 160 -4.58 -4.07 8.79
C SER A 160 -5.05 -3.91 10.23
N HIS A 161 -5.59 -4.98 10.81
CA HIS A 161 -6.05 -4.92 12.22
C HIS A 161 -4.86 -4.50 13.09
N SER A 162 -3.73 -5.16 12.92
CA SER A 162 -2.47 -4.80 13.62
C SER A 162 -2.10 -3.35 13.39
N LEU A 163 -2.07 -2.91 12.14
CA LEU A 163 -1.64 -1.54 11.83
C LEU A 163 -2.65 -0.51 12.31
N SER A 164 -3.89 -0.94 12.50
N SER A 164 -3.90 -0.92 12.50
CA SER A 164 -4.95 0.00 12.97
CA SER A 164 -4.94 0.02 12.96
C SER A 164 -4.62 0.53 14.36
C SER A 164 -4.62 0.53 14.37
N ALA A 165 -4.10 -0.37 15.21
CA ALA A 165 -3.75 -0.05 16.61
C ALA A 165 -2.77 1.12 16.73
N LEU A 166 -2.04 1.46 15.68
CA LEU A 166 -1.00 2.50 15.79
C LEU A 166 -1.65 3.87 15.61
N HIS A 167 -2.91 3.90 15.11
CA HIS A 167 -3.59 5.16 14.74
C HIS A 167 -2.59 6.04 13.98
N PHE A 168 -1.93 5.50 12.97
CA PHE A 168 -1.00 6.29 12.13
C PHE A 168 -1.64 7.65 11.87
N SER A 169 -0.91 8.72 12.15
CA SER A 169 -1.21 10.05 11.57
C SER A 169 -0.87 9.97 10.07
N GLU A 170 -1.40 10.88 9.30
CA GLU A 170 -1.12 11.00 7.87
C GLU A 170 0.36 11.14 7.61
N ASP A 171 1.05 11.97 8.38
CA ASP A 171 2.49 12.27 8.13
C ASP A 171 3.30 11.02 8.51
N GLU A 172 2.91 10.30 9.56
CA GLU A 172 3.56 9.03 9.96
C GLU A 172 3.44 8.01 8.83
N ILE A 173 2.27 7.85 8.25
CA ILE A 173 2.06 6.94 7.09
C ILE A 173 2.94 7.39 5.94
N ALA A 174 2.99 8.69 5.69
CA ALA A 174 3.76 9.23 4.58
C ALA A 174 5.24 8.83 4.76
N LEU A 175 5.77 9.06 5.94
CA LEU A 175 7.23 8.88 6.19
C LEU A 175 7.56 7.38 6.28
N TYR A 176 6.68 6.58 6.86
CA TYR A 176 6.89 5.11 6.93
C TYR A 176 6.82 4.51 5.54
N THR A 177 5.80 4.81 4.75
CA THR A 177 5.68 4.22 3.39
C THR A 177 6.86 4.68 2.53
N ALA A 178 7.38 5.87 2.72
CA ALA A 178 8.56 6.34 1.99
C ALA A 178 9.71 5.37 2.27
N LEU A 179 9.81 4.92 3.51
CA LEU A 179 10.91 4.03 3.93
C LEU A 179 10.66 2.59 3.48
N VAL A 180 9.40 2.20 3.34
CA VAL A 180 9.03 0.89 2.75
C VAL A 180 9.63 0.80 1.36
N LEU A 181 9.51 1.84 0.55
CA LEU A 181 10.05 1.88 -0.83
C LEU A 181 11.58 2.07 -0.84
N ILE A 182 12.10 3.07 -0.10
CA ILE A 182 13.53 3.46 -0.23
C ILE A 182 14.36 2.62 0.75
N ASN A 183 14.75 1.47 0.25
CA ASN A 183 15.40 0.40 1.03
C ASN A 183 16.58 -0.11 0.20
N ALA A 184 17.82 0.18 0.62
CA ALA A 184 19.07 -0.19 -0.08
C ALA A 184 19.39 -1.68 0.04
N HIS A 185 18.62 -2.47 0.81
CA HIS A 185 18.78 -3.93 0.92
C HIS A 185 18.09 -4.66 -0.21
N ARG A 186 17.18 -4.03 -0.96
CA ARG A 186 16.53 -4.73 -2.10
C ARG A 186 17.62 -5.29 -3.02
N PRO A 187 17.65 -6.62 -3.31
CA PRO A 187 18.60 -7.16 -4.30
C PRO A 187 18.48 -6.56 -5.72
N GLY A 188 19.62 -6.32 -6.35
CA GLY A 188 19.71 -5.92 -7.77
C GLY A 188 19.90 -4.42 -7.97
N LEU A 189 20.25 -3.65 -6.94
CA LEU A 189 20.37 -2.18 -7.11
C LEU A 189 21.70 -1.91 -7.80
N GLN A 190 21.75 -1.00 -8.77
CA GLN A 190 23.03 -0.63 -9.44
C GLN A 190 23.76 0.51 -8.72
N GLU A 191 23.05 1.38 -8.03
CA GLU A 191 23.69 2.54 -7.38
C GLU A 191 23.26 2.51 -5.94
N LYS A 192 23.60 1.42 -5.28
CA LYS A 192 23.25 1.14 -3.86
C LYS A 192 23.57 2.34 -2.98
N ARG A 193 24.70 3.00 -3.21
CA ARG A 193 25.11 4.15 -2.37
C ARG A 193 24.14 5.30 -2.57
N LYS A 194 23.65 5.50 -3.78
CA LYS A 194 22.71 6.62 -4.03
C LYS A 194 21.40 6.35 -3.31
N VAL A 195 21.03 5.09 -3.14
CA VAL A 195 19.76 4.69 -2.45
C VAL A 195 20.00 4.80 -0.94
N GLU A 196 21.15 4.39 -0.48
CA GLU A 196 21.51 4.53 0.96
C GLU A 196 21.36 6.00 1.39
N GLN A 197 21.79 6.94 0.56
CA GLN A 197 21.74 8.36 0.94
C GLN A 197 20.28 8.77 1.08
N LEU A 198 19.38 8.39 0.17
CA LEU A 198 17.94 8.72 0.35
C LEU A 198 17.42 8.07 1.61
N GLN A 199 17.76 6.81 1.80
CA GLN A 199 17.20 6.06 2.92
C GLN A 199 17.62 6.71 4.23
N TYR A 200 18.91 7.03 4.38
CA TYR A 200 19.41 7.63 5.64
C TYR A 200 18.72 8.95 5.92
N ASN A 201 18.50 9.75 4.88
CA ASN A 201 17.79 11.05 5.00
C ASN A 201 16.36 10.83 5.43
N LEU A 202 15.68 9.84 4.87
CA LEU A 202 14.27 9.57 5.21
C LEU A 202 14.22 9.00 6.62
N GLU A 203 15.22 8.20 7.01
CA GLU A 203 15.27 7.67 8.40
C GLU A 203 15.38 8.82 9.38
N LEU A 204 16.28 9.75 9.10
CA LEU A 204 16.47 10.97 9.95
C LEU A 204 15.18 11.78 9.94
N ALA A 205 14.61 12.04 8.76
CA ALA A 205 13.30 12.74 8.67
C ALA A 205 12.26 12.07 9.58
N PHE A 206 12.14 10.76 9.47
CA PHE A 206 11.11 10.00 10.21
C PHE A 206 11.36 10.12 11.73
N HIS A 207 12.58 9.85 12.20
CA HIS A 207 12.92 9.94 13.62
C HIS A 207 12.69 11.34 14.15
N HIS A 208 13.19 12.30 13.37
CA HIS A 208 13.04 13.72 13.71
C HIS A 208 11.56 14.00 13.92
N HIS A 209 10.73 13.67 12.94
CA HIS A 209 9.29 14.00 13.03
C HIS A 209 8.67 13.38 14.27
N LEU A 210 8.96 12.11 14.52
CA LEU A 210 8.40 11.33 15.66
C LEU A 210 8.85 11.98 16.99
N HIS A 211 10.10 12.39 17.07
CA HIS A 211 10.61 13.10 18.26
C HIS A 211 9.82 14.40 18.43
N LYS A 212 9.67 15.21 17.39
CA LYS A 212 9.03 16.56 17.46
C LYS A 212 7.57 16.40 17.86
N THR A 213 6.91 15.28 17.54
CA THR A 213 5.49 15.03 17.87
C THR A 213 5.28 14.13 19.08
N HIS A 214 6.34 13.68 19.75
CA HIS A 214 6.26 12.73 20.90
C HIS A 214 5.56 11.44 20.48
N ARG A 215 5.95 10.83 19.37
CA ARG A 215 5.33 9.60 18.83
C ARG A 215 6.43 8.54 18.53
N GLN A 216 7.60 8.65 19.16
CA GLN A 216 8.71 7.66 19.01
C GLN A 216 8.24 6.28 19.46
N SER A 217 7.19 6.22 20.25
CA SER A 217 6.68 4.96 20.81
C SER A 217 6.19 4.08 19.67
N ILE A 218 5.86 4.66 18.51
CA ILE A 218 5.30 3.80 17.43
C ILE A 218 6.46 2.96 16.90
N LEU A 219 7.68 3.44 17.01
CA LEU A 219 8.84 2.72 16.42
C LEU A 219 8.81 1.29 16.91
N ALA A 220 8.61 1.03 18.20
CA ALA A 220 8.65 -0.33 18.77
C ALA A 220 7.45 -1.13 18.30
N LYS A 221 6.42 -0.52 17.74
CA LYS A 221 5.16 -1.27 17.43
C LYS A 221 5.05 -1.53 15.93
N LEU A 222 6.03 -1.11 15.17
CA LEU A 222 5.93 -1.26 13.71
C LEU A 222 5.98 -2.74 13.34
N PRO A 223 5.38 -3.14 12.23
CA PRO A 223 5.42 -4.50 11.81
C PRO A 223 6.85 -4.97 11.55
N PRO A 224 7.19 -6.22 11.88
CA PRO A 224 8.51 -6.75 11.62
C PRO A 224 8.62 -6.90 10.10
N LYS A 225 9.75 -6.54 9.54
CA LYS A 225 9.94 -6.54 8.07
C LYS A 225 9.58 -7.87 7.39
N GLY A 226 10.01 -8.99 7.94
CA GLY A 226 9.67 -10.26 7.29
C GLY A 226 8.19 -10.44 7.19
N LYS A 227 7.42 -9.83 8.08
CA LYS A 227 5.95 -10.02 8.06
C LYS A 227 5.35 -9.39 6.81
N LEU A 228 5.62 -8.13 6.66
CA LEU A 228 5.09 -7.38 5.52
C LEU A 228 5.58 -8.06 4.26
N ARG A 229 6.85 -8.48 4.26
CA ARG A 229 7.51 -9.04 3.04
C ARG A 229 6.79 -10.32 2.64
N SER A 230 6.59 -11.24 3.58
CA SER A 230 6.06 -12.58 3.24
C SER A 230 4.55 -12.46 2.96
N LEU A 231 3.79 -11.69 3.74
CA LEU A 231 2.37 -11.42 3.35
C LEU A 231 2.29 -10.87 1.92
N CYS A 232 3.07 -9.85 1.61
CA CYS A 232 2.87 -9.15 0.36
C CYS A 232 3.35 -10.03 -0.81
N SER A 233 4.36 -10.88 -0.60
CA SER A 233 4.88 -11.70 -1.72
C SER A 233 3.88 -12.82 -2.05
N GLN A 234 3.21 -13.39 -1.04
CA GLN A 234 2.06 -14.30 -1.22
C GLN A 234 0.97 -13.57 -1.98
N HIS A 235 0.59 -12.37 -1.53
CA HIS A 235 -0.49 -11.59 -2.18
C HIS A 235 -0.17 -11.48 -3.66
N VAL A 236 1.02 -10.99 -3.98
CA VAL A 236 1.41 -10.69 -5.37
C VAL A 236 1.44 -12.02 -6.13
N GLU A 237 1.89 -13.08 -5.48
CA GLU A 237 1.99 -14.43 -6.10
C GLU A 237 0.57 -14.89 -6.49
N ARG A 238 -0.43 -14.69 -5.64
CA ARG A 238 -1.83 -15.06 -5.94
C ARG A 238 -2.38 -14.17 -7.07
N LEU A 239 -2.05 -12.88 -7.08
CA LEU A 239 -2.50 -11.96 -8.14
C LEU A 239 -1.87 -12.43 -9.44
N GLN A 240 -0.64 -12.92 -9.41
CA GLN A 240 0.11 -13.34 -10.61
CA GLN A 240 0.06 -13.29 -10.67
C GLN A 240 -0.62 -14.55 -11.20
N ILE A 241 -1.05 -15.45 -10.32
CA ILE A 241 -1.78 -16.71 -10.70
C ILE A 241 -3.14 -16.33 -11.34
N PHE A 242 -3.93 -15.44 -10.72
CA PHE A 242 -5.24 -14.99 -11.27
C PHE A 242 -5.00 -14.31 -12.61
N GLN A 243 -3.96 -13.49 -12.67
CA GLN A 243 -3.61 -12.78 -13.91
C GLN A 243 -3.25 -13.81 -15.01
N HIS A 244 -2.66 -14.96 -14.64
CA HIS A 244 -2.32 -16.05 -15.59
C HIS A 244 -3.61 -16.73 -16.04
N LEU A 245 -4.58 -16.97 -15.16
CA LEU A 245 -5.82 -17.73 -15.48
C LEU A 245 -6.81 -16.82 -16.19
N HIS A 246 -6.77 -15.54 -15.90
CA HIS A 246 -7.82 -14.57 -16.32
C HIS A 246 -7.20 -13.18 -16.43
N PRO A 247 -6.34 -12.95 -17.46
CA PRO A 247 -5.66 -11.65 -17.61
C PRO A 247 -6.60 -10.45 -17.67
N ILE A 248 -6.21 -9.39 -16.95
CA ILE A 248 -6.84 -8.04 -17.02
C ILE A 248 -5.81 -7.15 -17.72
N VAL A 249 -6.25 -6.05 -18.34
CA VAL A 249 -5.21 -5.21 -19.01
C VAL A 249 -5.33 -3.77 -18.52
N VAL A 250 -4.18 -3.18 -18.23
CA VAL A 250 -4.14 -1.80 -17.67
C VAL A 250 -3.16 -0.92 -18.46
N GLN A 251 -3.50 0.35 -18.64
CA GLN A 251 -2.60 1.36 -19.27
C GLN A 251 -1.50 1.76 -18.26
N ALA A 252 -0.32 1.16 -18.38
CA ALA A 252 0.83 1.29 -17.45
C ALA A 252 1.15 2.77 -17.19
N ALA A 253 1.33 3.15 -15.93
CA ALA A 253 1.86 4.47 -15.54
C ALA A 253 3.39 4.38 -15.65
N PHE A 254 3.99 3.22 -15.35
CA PHE A 254 5.45 3.02 -15.36
C PHE A 254 5.79 1.77 -16.19
N PRO A 255 5.74 1.91 -17.53
CA PRO A 255 5.87 0.77 -18.44
C PRO A 255 6.99 -0.23 -18.12
N PRO A 256 8.23 0.20 -17.87
CA PRO A 256 9.29 -0.77 -17.54
C PRO A 256 8.94 -1.60 -16.29
N LEU A 257 8.19 -1.00 -15.38
CA LEU A 257 7.82 -1.67 -14.12
C LEU A 257 6.65 -2.60 -14.41
N TYR A 258 5.69 -2.18 -15.23
CA TYR A 258 4.53 -3.02 -15.62
C TYR A 258 5.09 -4.34 -16.17
N LYS A 259 6.09 -4.24 -17.04
CA LYS A 259 6.73 -5.39 -17.73
C LYS A 259 7.31 -6.44 -16.77
N GLU A 260 7.73 -6.09 -15.56
CA GLU A 260 8.27 -7.14 -14.66
C GLU A 260 7.12 -7.85 -13.93
N LEU A 261 5.88 -7.41 -14.16
CA LEU A 261 4.71 -8.04 -13.49
C LEU A 261 3.63 -8.46 -14.49
N PHE A 262 3.63 -7.91 -15.69
CA PHE A 262 2.64 -8.29 -16.73
C PHE A 262 3.39 -9.00 -17.88
N SER A 263 4.52 -9.66 -17.57
CA SER A 263 5.58 -10.15 -18.51
C SER A 263 5.14 -11.38 -19.29
C1 MJE B . 4.88 -4.60 -6.20
C10 MJE B . 1.51 -0.58 -12.89
C11 MJE B . 1.52 0.53 -13.78
C12 MJE B . 2.71 -1.02 -12.38
C13 MJE B . 2.75 -2.09 -11.53
C14 MJE B . 0.20 -6.76 -8.97
C15 MJE B . -1.00 -7.00 -9.80
C16 MJE B . -1.06 -8.03 -10.71
C17 MJE B . -2.18 -8.28 -11.47
C18 MJE B . -3.28 -7.48 -11.31
C19 MJE B . -3.26 -6.45 -10.42
C2 MJE B . 3.93 -4.69 -7.35
C20 MJE B . -2.14 -6.22 -9.67
C3 MJE B . 2.99 -5.62 -7.58
C4 MJE B . 2.14 -5.25 -8.64
C5 MJE B . 2.56 -4.11 -9.26
C6 MJE B . 1.67 -3.87 -10.25
C7 MJE B . 1.59 -2.76 -11.20
C8 MJE B . 0.40 -2.30 -11.69
C9 MJE B . 0.36 -1.23 -12.54
N1 MJE B . 0.72 -4.78 -10.24
N2 MJE B . 1.00 -5.66 -9.25
O1 MJE B . 2.55 0.81 -14.25
O2 MJE B . 0.51 1.11 -13.97
O3 MJE B . 0.48 -7.46 -8.04
S1 MJE B . 3.99 -3.51 -8.57
CL1 MJE B . 0.30 -9.07 -10.92
CL2 MJE B . -2.15 -4.92 -8.55
C18 MHQ C . -5.87 1.99 -1.01
C17 MHQ C . -7.23 1.80 -1.60
C16 MHQ C . -7.54 0.35 -1.81
C15 MHQ C . -7.91 -0.11 -2.98
C14 MHQ C . -8.21 -1.53 -3.29
C1 MHQ C . -6.59 -11.74 -3.03
C2 MHQ C . -7.25 -10.94 -4.06
C3 MHQ C . -7.29 -11.58 -5.37
C4 MHQ C . -7.75 -9.75 -3.82
C13 MHQ C . -8.44 -2.36 -2.05
C5 MHQ C . -7.69 -8.98 -2.54
C6 MHQ C . -9.03 -8.58 -2.05
C12 MHQ C . -8.40 -3.83 -2.37
C11 MHQ C . -9.37 -4.38 -3.41
C7 MHQ C . -9.07 -7.36 -1.14
C8 MHQ C . -8.28 -7.65 0.12
C9 MHQ C . -8.56 -6.13 -1.88
C10 MHQ C . -9.30 -5.90 -3.20
C19 MHQ C . -5.83 1.30 0.30
C20 MHQ C . -6.07 -0.19 0.11
C21 MHQ C . -7.40 -0.53 -0.60
C22 MHQ C . -8.57 -0.19 0.32
C23 MHQ C . -7.36 -2.02 -1.02
C24 MHQ C . -7.43 -2.97 0.18
C25 MHQ C . -7.48 -4.45 -0.19
C26 MHQ C . -8.60 -4.76 -1.17
C27 MHQ C . -9.95 -4.59 -0.50
O1 MHQ C . -5.64 3.37 -0.80
C1 GOL D . -11.76 1.98 -4.97
O1 GOL D . -10.43 2.41 -4.74
C2 GOL D . -12.33 1.48 -3.66
O2 GOL D . -13.42 0.64 -4.00
C3 GOL D . -11.33 0.69 -2.87
O3 GOL D . -11.90 0.30 -1.62
#